data_4MPN
#
_entry.id   4MPN
#
_cell.length_a   110.622
_cell.length_b   110.622
_cell.length_c   228.742
_cell.angle_alpha   90.00
_cell.angle_beta   90.00
_cell.angle_gamma   90.00
#
_symmetry.space_group_name_H-M   'I 41 2 2'
#
loop_
_entity.id
_entity.type
_entity.pdbx_description
1 polymer '[Pyruvate dehydrogenase [lipoamide]] kinase isozyme 2, mitochondrial'
2 non-polymer 2-[(2,4-dihydroxyphenyl)sulfonyl]-2,3-dihydro-1H-isoindole-4,6-diol
3 non-polymer 'L(+)-TARTARIC ACID'
4 water water
#
_entity_poly.entity_id   1
_entity_poly.type   'polypeptide(L)'
_entity_poly.pdbx_seq_one_letter_code
;SKNASLAGAPKYIEHFSKFSPSPLSMKQFLDFGSSNACEKTSFTFLRQELPVRLANIMKEINLLPDRVLSTPSVQLVQSW
YVQSLLDIMEFLDKDPEDHRTLSQFTDALVTIRNRHNDVVPTMAQGVLEYKDTYGDDPVSNQNIQYFLDRFYLSRISIRM
LINQHTLIFDGSTNPAHPKHIGSIDPNCNVSEVVKDAYDMAKLLCDKYYMASPDLEIQEINAANSKQPIHMVYVPSHLYH
MLFELFKNAMRATVESHESSLILPPIKVMVALGEEDLSIKMSDRGGGVPLRKIERLFSYMYSTAPTPQPGTGGTPLAGFG
YGLPISRLYAKYFQGDLQLFSMEGFGTDAVIYLKALSTDSVERLPVYNKSAWRHYQTIQEAGDWCVPSTEPKNTSTYRVS
;
_entity_poly.pdbx_strand_id   A
#
# COMPACT_ATOMS: atom_id res chain seq x y z
N SER A 5 16.52 -13.14 28.01
CA SER A 5 17.07 -11.91 28.56
C SER A 5 16.17 -10.71 28.25
N LEU A 6 15.14 -10.93 27.44
CA LEU A 6 14.20 -9.86 27.13
C LEU A 6 13.00 -9.88 28.08
N ALA A 7 12.37 -8.72 28.25
CA ALA A 7 11.10 -8.66 28.97
C ALA A 7 10.02 -9.35 28.13
N GLY A 8 8.89 -9.67 28.76
CA GLY A 8 7.74 -10.20 28.04
C GLY A 8 7.26 -9.20 27.01
N ALA A 9 6.83 -9.70 25.86
CA ALA A 9 6.39 -8.80 24.79
C ALA A 9 5.36 -7.73 25.19
N PRO A 10 4.35 -8.08 26.02
CA PRO A 10 3.38 -7.04 26.39
C PRO A 10 4.01 -5.81 27.05
N LYS A 11 5.08 -5.99 27.81
CA LYS A 11 5.71 -4.84 28.43
C LYS A 11 6.28 -3.88 27.37
N TYR A 12 6.90 -4.44 26.33
CA TYR A 12 7.40 -3.61 25.24
C TYR A 12 6.26 -2.99 24.44
N ILE A 13 5.21 -3.77 24.20
CA ILE A 13 4.10 -3.27 23.38
C ILE A 13 3.47 -2.05 24.07
N GLU A 14 3.23 -2.16 25.36
CA GLU A 14 2.65 -1.05 26.12
C GLU A 14 3.57 0.16 26.10
N HIS A 15 4.87 -0.07 26.28
CA HIS A 15 5.82 1.03 26.28
C HIS A 15 5.81 1.79 24.95
N PHE A 16 5.98 1.07 23.86
CA PHE A 16 6.14 1.73 22.57
C PHE A 16 4.84 2.23 21.96
N SER A 17 3.72 1.68 22.42
CA SER A 17 2.44 2.11 21.85
C SER A 17 2.03 3.49 22.36
N LYS A 18 2.72 3.98 23.38
CA LYS A 18 2.47 5.31 23.91
C LYS A 18 2.93 6.40 22.97
N PHE A 19 3.93 6.10 22.14
CA PHE A 19 4.45 7.06 21.17
C PHE A 19 3.63 7.05 19.90
N SER A 20 3.65 8.16 19.18
CA SER A 20 3.04 8.21 17.86
C SER A 20 4.12 7.93 16.81
N PRO A 21 3.79 7.17 15.75
CA PRO A 21 4.73 7.05 14.63
C PRO A 21 5.15 8.44 14.12
N SER A 22 6.35 8.54 13.55
CA SER A 22 6.85 9.81 13.03
C SER A 22 6.91 9.79 11.52
N PRO A 23 5.97 10.48 10.86
CA PRO A 23 5.89 10.45 9.39
C PRO A 23 7.06 11.20 8.75
N LEU A 24 7.68 10.60 7.74
CA LEU A 24 8.78 11.25 7.04
C LEU A 24 8.32 11.65 5.64
N SER A 25 8.92 12.69 5.08
CA SER A 25 8.58 13.09 3.73
C SER A 25 9.49 12.39 2.74
N MET A 26 9.06 12.33 1.48
CA MET A 26 9.88 11.78 0.42
C MET A 26 11.21 12.53 0.36
N LYS A 27 11.16 13.84 0.55
CA LYS A 27 12.38 14.64 0.53
C LYS A 27 13.33 14.25 1.69
N GLN A 28 12.76 13.96 2.85
CA GLN A 28 13.58 13.49 3.97
C GLN A 28 14.22 12.14 3.69
N PHE A 29 13.45 11.23 3.12
CA PHE A 29 13.99 9.92 2.74
C PHE A 29 15.14 10.13 1.75
N LEU A 30 14.92 11.01 0.78
CA LEU A 30 15.85 11.23 -0.31
C LEU A 30 17.15 11.85 0.18
N ASP A 31 17.04 12.76 1.16
CA ASP A 31 18.19 13.51 1.63
C ASP A 31 19.06 12.71 2.60
N PHE A 32 18.67 11.48 2.92
CA PHE A 32 19.45 10.66 3.84
C PHE A 32 20.67 10.03 3.16
N GLY A 33 21.84 10.23 3.78
CA GLY A 33 23.10 9.78 3.22
C GLY A 33 23.49 8.34 3.52
N SER A 34 24.68 7.95 3.07
CA SER A 34 25.11 6.55 3.12
C SER A 34 26.40 6.32 3.92
N SER A 35 26.89 7.37 4.59
CA SER A 35 28.13 7.26 5.36
C SER A 35 27.95 6.40 6.61
N ASN A 36 29.06 6.09 7.28
CA ASN A 36 28.98 5.37 8.55
C ASN A 36 28.25 6.20 9.60
N ALA A 37 28.44 7.51 9.53
CA ALA A 37 27.75 8.44 10.41
C ALA A 37 26.24 8.36 10.17
N CYS A 38 25.86 8.29 8.89
CA CYS A 38 24.45 8.20 8.54
C CYS A 38 23.88 6.85 8.93
N GLU A 39 24.69 5.79 8.85
CA GLU A 39 24.21 4.46 9.23
C GLU A 39 23.93 4.37 10.72
N LYS A 40 24.78 4.97 11.52
CA LYS A 40 24.55 5.02 12.97
C LYS A 40 23.25 5.76 13.29
N THR A 41 23.01 6.88 12.60
CA THR A 41 21.81 7.66 12.83
C THR A 41 20.55 6.88 12.42
N SER A 42 20.64 6.15 11.31
CA SER A 42 19.54 5.31 10.87
C SER A 42 19.28 4.22 11.90
N PHE A 43 20.36 3.63 12.41
CA PHE A 43 20.22 2.63 13.46
C PHE A 43 19.52 3.19 14.69
N THR A 44 20.02 4.30 15.22
CA THR A 44 19.44 4.83 16.44
C THR A 44 18.00 5.29 16.22
N PHE A 45 17.72 5.80 15.01
CA PHE A 45 16.34 6.16 14.66
C PHE A 45 15.43 4.94 14.59
N LEU A 46 15.86 3.93 13.83
CA LEU A 46 15.00 2.77 13.59
C LEU A 46 14.80 1.85 14.81
N ARG A 47 15.73 1.83 15.75
CA ARG A 47 15.52 0.98 16.92
C ARG A 47 14.50 1.58 17.88
N GLN A 48 14.15 2.85 17.64
CA GLN A 48 12.99 3.47 18.29
C GLN A 48 11.76 3.44 17.37
N GLU A 49 11.93 3.89 16.13
CA GLU A 49 10.77 4.06 15.26
C GLU A 49 10.10 2.76 14.84
N LEU A 50 10.88 1.73 14.54
CA LEU A 50 10.27 0.48 14.16
C LEU A 50 9.46 -0.14 15.32
N PRO A 51 10.02 -0.16 16.54
CA PRO A 51 9.18 -0.61 17.66
C PRO A 51 7.92 0.25 17.86
N VAL A 52 8.02 1.57 17.70
CA VAL A 52 6.82 2.41 17.80
C VAL A 52 5.79 1.97 16.76
N ARG A 53 6.21 1.78 15.51
CA ARG A 53 5.26 1.39 14.46
C ARG A 53 4.71 -0.01 14.68
N LEU A 54 5.56 -0.94 15.09
CA LEU A 54 5.08 -2.30 15.36
C LEU A 54 4.07 -2.28 16.52
N ALA A 55 4.42 -1.61 17.62
CA ALA A 55 3.54 -1.59 18.77
C ALA A 55 2.20 -0.94 18.46
N ASN A 56 2.22 0.13 17.69
CA ASN A 56 0.98 0.88 17.48
C ASN A 56 -0.07 0.03 16.79
N ILE A 57 0.35 -0.67 15.75
CA ILE A 57 -0.57 -1.50 15.00
C ILE A 57 -0.93 -2.78 15.76
N MET A 58 0.00 -3.33 16.54
CA MET A 58 -0.33 -4.50 17.33
C MET A 58 -1.45 -4.17 18.32
N LYS A 59 -1.45 -2.96 18.85
CA LYS A 59 -2.50 -2.55 19.80
C LYS A 59 -3.87 -2.53 19.15
N GLU A 60 -3.93 -2.19 17.86
CA GLU A 60 -5.20 -2.16 17.15
C GLU A 60 -5.69 -3.56 16.77
N ILE A 61 -4.75 -4.46 16.51
CA ILE A 61 -5.12 -5.84 16.24
C ILE A 61 -5.99 -6.33 17.39
N ASN A 62 -5.69 -5.87 18.61
CA ASN A 62 -6.40 -6.37 19.79
C ASN A 62 -7.82 -5.84 19.91
N LEU A 63 -8.16 -4.87 19.09
CA LEU A 63 -9.47 -4.24 19.13
C LEU A 63 -10.43 -4.94 18.19
N LEU A 64 -9.89 -5.79 17.30
CA LEU A 64 -10.73 -6.56 16.37
C LEU A 64 -11.75 -7.37 17.13
N PRO A 65 -12.86 -7.72 16.46
CA PRO A 65 -13.85 -8.59 17.08
C PRO A 65 -13.17 -9.88 17.53
N ASP A 66 -13.57 -10.42 18.67
CA ASP A 66 -13.06 -11.71 19.12
C ASP A 66 -13.07 -12.71 17.96
N ARG A 67 -14.14 -12.71 17.19
CA ARG A 67 -14.31 -13.65 16.08
C ARG A 67 -13.14 -13.64 15.09
N VAL A 68 -12.68 -12.45 14.71
CA VAL A 68 -11.60 -12.31 13.75
C VAL A 68 -10.26 -12.61 14.41
N LEU A 69 -10.08 -12.08 15.62
CA LEU A 69 -8.86 -12.31 16.38
C LEU A 69 -8.64 -13.78 16.71
N SER A 70 -9.73 -14.54 16.86
CA SER A 70 -9.65 -15.94 17.23
C SER A 70 -9.17 -16.84 16.08
N THR A 71 -9.12 -16.32 14.86
CA THR A 71 -8.76 -17.15 13.68
C THR A 71 -7.28 -17.51 13.69
N PRO A 72 -6.93 -18.72 13.22
CA PRO A 72 -5.52 -19.11 13.31
C PRO A 72 -4.59 -18.21 12.49
N SER A 73 -5.04 -17.73 11.34
CA SER A 73 -4.16 -16.93 10.49
C SER A 73 -3.90 -15.55 11.10
N VAL A 74 -4.90 -14.95 11.74
CA VAL A 74 -4.68 -13.68 12.41
C VAL A 74 -3.72 -13.87 13.58
N GLN A 75 -3.92 -14.93 14.36
CA GLN A 75 -3.02 -15.25 15.46
CA GLN A 75 -3.03 -15.23 15.47
C GLN A 75 -1.59 -15.47 14.96
N LEU A 76 -1.46 -16.12 13.81
CA LEU A 76 -0.14 -16.35 13.22
C LEU A 76 0.57 -15.02 12.90
N VAL A 77 -0.15 -14.12 12.23
CA VAL A 77 0.42 -12.81 11.88
C VAL A 77 0.80 -12.06 13.15
N GLN A 78 -0.07 -12.10 14.17
CA GLN A 78 0.26 -11.46 15.44
CA GLN A 78 0.23 -11.47 15.45
C GLN A 78 1.55 -12.00 16.02
N SER A 79 1.75 -13.32 15.95
CA SER A 79 2.96 -13.92 16.50
C SER A 79 4.21 -13.45 15.73
N TRP A 80 4.06 -13.20 14.43
CA TRP A 80 5.18 -12.67 13.66
C TRP A 80 5.55 -11.27 14.15
N TYR A 81 4.53 -10.43 14.34
CA TYR A 81 4.79 -9.07 14.82
C TYR A 81 5.47 -9.08 16.19
N VAL A 82 5.02 -9.97 17.07
CA VAL A 82 5.63 -10.09 18.40
C VAL A 82 7.10 -10.44 18.27
N GLN A 83 7.42 -11.43 17.44
CA GLN A 83 8.83 -11.86 17.33
C GLN A 83 9.69 -10.74 16.72
N SER A 84 9.13 -10.03 15.74
CA SER A 84 9.86 -8.95 15.10
C SER A 84 10.16 -7.82 16.08
N LEU A 85 9.18 -7.50 16.91
CA LEU A 85 9.39 -6.49 17.96
C LEU A 85 10.52 -6.96 18.90
N LEU A 86 10.43 -8.19 19.37
CA LEU A 86 11.46 -8.74 20.26
C LEU A 86 12.84 -8.75 19.60
N ASP A 87 12.90 -9.08 18.30
CA ASP A 87 14.16 -9.06 17.57
C ASP A 87 14.85 -7.68 17.68
N ILE A 88 14.06 -6.62 17.58
CA ILE A 88 14.60 -5.27 17.68
C ILE A 88 14.96 -4.90 19.13
N MET A 89 14.22 -5.45 20.10
CA MET A 89 14.51 -5.16 21.51
C MET A 89 15.91 -5.63 21.91
N GLU A 90 16.42 -6.62 21.19
CA GLU A 90 17.77 -7.14 21.42
C GLU A 90 18.84 -6.07 21.20
N PHE A 91 18.46 -5.02 20.46
CA PHE A 91 19.39 -3.95 20.09
C PHE A 91 19.34 -2.71 21.00
N LEU A 92 18.45 -2.69 21.99
CA LEU A 92 18.28 -1.49 22.82
C LEU A 92 19.55 -1.06 23.55
N ASP A 93 20.35 -2.02 23.99
CA ASP A 93 21.53 -1.69 24.78
C ASP A 93 22.82 -1.80 23.98
N LYS A 94 22.71 -1.96 22.66
CA LYS A 94 23.89 -2.13 21.82
C LYS A 94 24.52 -0.82 21.36
N ASP A 95 25.84 -0.84 21.22
CA ASP A 95 26.62 0.34 20.89
C ASP A 95 26.65 0.57 19.38
N PRO A 96 26.13 1.73 18.93
CA PRO A 96 26.10 2.07 17.50
C PRO A 96 27.52 2.24 16.95
N GLU A 97 28.47 2.50 17.83
CA GLU A 97 29.86 2.70 17.43
C GLU A 97 30.52 1.39 17.04
N ASP A 98 29.91 0.29 17.46
CA ASP A 98 30.44 -1.04 17.14
C ASP A 98 29.91 -1.48 15.78
N HIS A 99 30.83 -1.72 14.84
CA HIS A 99 30.43 -2.06 13.48
C HIS A 99 29.59 -3.34 13.43
N ARG A 100 29.86 -4.26 14.36
CA ARG A 100 29.09 -5.50 14.43
C ARG A 100 27.64 -5.24 14.79
N THR A 101 27.38 -4.21 15.59
CA THR A 101 26.02 -3.83 15.93
C THR A 101 25.25 -3.50 14.65
N LEU A 102 25.86 -2.64 13.83
CA LEU A 102 25.24 -2.18 12.60
C LEU A 102 24.99 -3.31 11.61
N SER A 103 25.97 -4.19 11.44
CA SER A 103 25.81 -5.29 10.50
C SER A 103 24.78 -6.28 11.01
N GLN A 104 24.81 -6.55 12.31
CA GLN A 104 23.80 -7.43 12.92
C GLN A 104 22.41 -6.83 12.79
N PHE A 105 22.31 -5.51 12.91
CA PHE A 105 21.03 -4.84 12.80
C PHE A 105 20.43 -5.02 11.41
N THR A 106 21.25 -4.79 10.39
CA THR A 106 20.79 -4.99 9.02
C THR A 106 20.32 -6.42 8.78
N ASP A 107 21.08 -7.40 9.30
CA ASP A 107 20.68 -8.80 9.20
C ASP A 107 19.31 -9.04 9.86
N ALA A 108 19.10 -8.45 11.02
CA ALA A 108 17.82 -8.60 11.73
C ALA A 108 16.65 -8.02 10.92
N LEU A 109 16.89 -6.90 10.25
CA LEU A 109 15.83 -6.27 9.47
C LEU A 109 15.47 -7.13 8.26
N VAL A 110 16.49 -7.72 7.63
CA VAL A 110 16.25 -8.63 6.52
C VAL A 110 15.42 -9.83 6.98
N THR A 111 15.78 -10.40 8.13
CA THR A 111 15.03 -11.51 8.70
C THR A 111 13.58 -11.13 8.97
N ILE A 112 13.36 -9.92 9.49
CA ILE A 112 11.99 -9.43 9.73
C ILE A 112 11.22 -9.29 8.41
N ARG A 113 11.83 -8.65 7.42
CA ARG A 113 11.16 -8.49 6.14
C ARG A 113 10.73 -9.84 5.58
N ASN A 114 11.64 -10.81 5.60
CA ASN A 114 11.34 -12.16 5.12
C ASN A 114 10.21 -12.83 5.89
N ARG A 115 10.29 -12.75 7.22
CA ARG A 115 9.25 -13.31 8.08
C ARG A 115 7.86 -12.81 7.67
N HIS A 116 7.76 -11.55 7.27
CA HIS A 116 6.47 -10.91 7.04
C HIS A 116 6.07 -10.91 5.57
N ASN A 117 6.82 -11.64 4.75
CA ASN A 117 6.59 -11.58 3.32
C ASN A 117 5.16 -11.90 2.90
N ASP A 118 4.58 -12.90 3.56
CA ASP A 118 3.24 -13.40 3.23
C ASP A 118 2.13 -12.79 4.09
N VAL A 119 2.38 -11.64 4.69
CA VAL A 119 1.35 -11.05 5.56
C VAL A 119 0.02 -10.77 4.85
N VAL A 120 0.06 -10.26 3.62
CA VAL A 120 -1.19 -9.88 2.98
C VAL A 120 -2.15 -11.07 2.75
N PRO A 121 -1.67 -12.14 2.09
CA PRO A 121 -2.58 -13.27 1.91
C PRO A 121 -2.83 -14.05 3.19
N THR A 122 -1.94 -13.96 4.18
CA THR A 122 -2.20 -14.66 5.43
C THR A 122 -3.37 -13.98 6.16
N MET A 123 -3.37 -12.66 6.21
CA MET A 123 -4.51 -11.92 6.76
C MET A 123 -5.79 -12.21 5.99
N ALA A 124 -5.67 -12.34 4.66
CA ALA A 124 -6.84 -12.65 3.85
C ALA A 124 -7.41 -14.02 4.24
N GLN A 125 -6.53 -14.96 4.57
CA GLN A 125 -7.01 -16.26 5.01
C GLN A 125 -7.71 -16.14 6.36
N GLY A 126 -7.23 -15.23 7.20
CA GLY A 126 -7.92 -14.93 8.46
C GLY A 126 -9.34 -14.46 8.23
N VAL A 127 -9.53 -13.57 7.25
CA VAL A 127 -10.86 -13.05 6.93
C VAL A 127 -11.76 -14.19 6.46
N LEU A 128 -11.20 -15.07 5.65
CA LEU A 128 -11.96 -16.22 5.16
C LEU A 128 -12.30 -17.18 6.30
N GLU A 129 -11.36 -17.40 7.22
CA GLU A 129 -11.61 -18.25 8.37
C GLU A 129 -12.76 -17.66 9.20
N TYR A 130 -12.76 -16.34 9.38
CA TYR A 130 -13.84 -15.69 10.12
C TYR A 130 -15.17 -15.94 9.44
N LYS A 131 -15.23 -15.71 8.13
CA LYS A 131 -16.45 -15.90 7.36
C LYS A 131 -16.93 -17.36 7.41
N ASP A 132 -15.99 -18.29 7.25
CA ASP A 132 -16.33 -19.72 7.28
C ASP A 132 -16.78 -20.21 8.66
N THR A 133 -16.08 -19.75 9.70
CA THR A 133 -16.34 -20.25 11.03
C THR A 133 -17.63 -19.69 11.63
N TYR A 134 -17.88 -18.39 11.42
CA TYR A 134 -18.97 -17.70 12.12
C TYR A 134 -20.06 -17.18 11.19
N GLY A 135 -19.74 -17.02 9.92
CA GLY A 135 -20.57 -16.28 9.00
C GLY A 135 -20.22 -14.82 9.20
N ASP A 136 -20.40 -13.99 8.18
CA ASP A 136 -20.07 -12.57 8.37
C ASP A 136 -21.29 -11.77 8.85
N ASP A 137 -21.00 -10.64 9.50
CA ASP A 137 -22.03 -9.71 9.96
C ASP A 137 -21.53 -8.31 9.68
N PRO A 138 -22.45 -7.37 9.42
CA PRO A 138 -22.09 -6.04 8.94
C PRO A 138 -21.20 -5.23 9.90
N VAL A 139 -21.43 -5.37 11.20
CA VAL A 139 -20.63 -4.64 12.19
C VAL A 139 -19.17 -5.10 12.13
N SER A 140 -18.95 -6.40 12.24
CA SER A 140 -17.60 -6.95 12.12
C SER A 140 -16.99 -6.56 10.78
N ASN A 141 -17.80 -6.59 9.72
CA ASN A 141 -17.28 -6.27 8.39
C ASN A 141 -16.75 -4.84 8.30
N GLN A 142 -17.46 -3.90 8.91
CA GLN A 142 -17.04 -2.50 8.91
C GLN A 142 -15.75 -2.34 9.70
N ASN A 143 -15.67 -3.02 10.84
CA ASN A 143 -14.47 -3.00 11.65
C ASN A 143 -13.29 -3.60 10.89
N ILE A 144 -13.53 -4.69 10.17
CA ILE A 144 -12.47 -5.33 9.39
C ILE A 144 -11.96 -4.40 8.30
N GLN A 145 -12.89 -3.74 7.61
CA GLN A 145 -12.53 -2.83 6.55
C GLN A 145 -11.66 -1.68 7.10
N TYR A 146 -12.12 -1.06 8.18
CA TYR A 146 -11.39 0.04 8.84
C TYR A 146 -10.01 -0.42 9.28
N PHE A 147 -9.96 -1.54 9.98
CA PHE A 147 -8.68 -2.07 10.46
C PHE A 147 -7.72 -2.45 9.34
N LEU A 148 -8.21 -3.17 8.33
CA LEU A 148 -7.28 -3.66 7.32
C LEU A 148 -6.64 -2.51 6.52
N ASP A 149 -7.42 -1.48 6.21
CA ASP A 149 -6.83 -0.31 5.55
C ASP A 149 -5.65 0.19 6.39
N ARG A 150 -5.86 0.30 7.70
CA ARG A 150 -4.82 0.85 8.56
C ARG A 150 -3.66 -0.13 8.73
N PHE A 151 -3.99 -1.39 8.94
CA PHE A 151 -2.98 -2.44 9.09
C PHE A 151 -2.08 -2.54 7.86
N TYR A 152 -2.69 -2.61 6.67
CA TYR A 152 -1.87 -2.74 5.47
C TYR A 152 -1.06 -1.46 5.14
N LEU A 153 -1.61 -0.29 5.45
CA LEU A 153 -0.85 0.96 5.29
C LEU A 153 0.33 1.00 6.28
N SER A 154 0.07 0.59 7.51
N SER A 154 0.09 0.56 7.51
CA SER A 154 1.14 0.43 8.50
CA SER A 154 1.18 0.49 8.47
C SER A 154 2.26 -0.44 7.95
C SER A 154 2.28 -0.46 7.99
N ARG A 155 1.88 -1.61 7.44
CA ARG A 155 2.84 -2.56 6.89
CA ARG A 155 2.84 -2.56 6.89
C ARG A 155 3.66 -1.96 5.74
N ILE A 156 2.97 -1.27 4.82
CA ILE A 156 3.67 -0.55 3.75
C ILE A 156 4.75 0.39 4.32
N SER A 157 4.42 1.10 5.39
CA SER A 157 5.36 2.08 5.96
C SER A 157 6.53 1.39 6.64
N ILE A 158 6.27 0.25 7.27
CA ILE A 158 7.34 -0.48 7.92
C ILE A 158 8.28 -1.06 6.88
N ARG A 159 7.72 -1.58 5.80
CA ARG A 159 8.55 -2.11 4.71
C ARG A 159 9.37 -1.02 4.03
N MET A 160 8.78 0.18 3.92
CA MET A 160 9.52 1.32 3.39
C MET A 160 10.76 1.61 4.24
N LEU A 161 10.58 1.70 5.54
CA LEU A 161 11.72 1.99 6.43
C LEU A 161 12.80 0.92 6.30
N ILE A 162 12.38 -0.34 6.29
CA ILE A 162 13.32 -1.45 6.21
C ILE A 162 14.06 -1.47 4.87
N ASN A 163 13.31 -1.34 3.78
CA ASN A 163 13.93 -1.31 2.45
C ASN A 163 14.92 -0.17 2.30
N GLN A 164 14.56 1.02 2.78
CA GLN A 164 15.48 2.16 2.69
C GLN A 164 16.79 1.86 3.41
N HIS A 165 16.69 1.29 4.61
CA HIS A 165 17.91 0.98 5.37
C HIS A 165 18.76 -0.08 4.69
N THR A 166 18.13 -1.19 4.28
CA THR A 166 18.90 -2.29 3.72
C THR A 166 19.47 -1.96 2.34
N LEU A 167 18.71 -1.20 1.54
CA LEU A 167 19.17 -0.82 0.21
C LEU A 167 20.34 0.15 0.30
N ILE A 168 20.21 1.13 1.19
CA ILE A 168 21.25 2.15 1.31
C ILE A 168 22.50 1.59 1.98
N PHE A 169 22.32 0.80 3.03
CA PHE A 169 23.45 0.33 3.82
C PHE A 169 23.81 -1.14 3.58
N ASP A 170 23.40 -1.67 2.44
CA ASP A 170 23.79 -3.03 2.05
C ASP A 170 23.45 -3.29 0.59
N PRO A 175 24.52 -2.45 -8.53
CA PRO A 175 23.10 -2.10 -8.53
C PRO A 175 22.62 -1.70 -9.92
N ALA A 176 21.35 -1.94 -10.22
CA ALA A 176 20.78 -1.57 -11.50
C ALA A 176 20.84 -0.06 -11.69
N HIS A 177 20.15 0.67 -10.82
CA HIS A 177 20.14 2.12 -10.86
C HIS A 177 20.79 2.69 -9.60
N PRO A 178 22.08 3.06 -9.70
CA PRO A 178 22.84 3.63 -8.58
C PRO A 178 22.37 5.05 -8.24
N LYS A 179 21.56 5.63 -9.11
CA LYS A 179 21.04 6.99 -8.93
C LYS A 179 19.87 7.02 -7.95
N HIS A 180 19.28 5.85 -7.70
CA HIS A 180 18.19 5.74 -6.75
C HIS A 180 18.72 5.83 -5.32
N ILE A 181 17.90 6.37 -4.43
CA ILE A 181 18.22 6.40 -3.01
C ILE A 181 17.38 5.34 -2.32
N GLY A 182 17.99 4.19 -2.07
CA GLY A 182 17.23 3.03 -1.66
C GLY A 182 16.27 2.65 -2.77
N SER A 183 14.97 2.73 -2.51
CA SER A 183 13.94 2.39 -3.48
C SER A 183 13.34 3.62 -4.18
N ILE A 184 13.90 4.79 -3.87
CA ILE A 184 13.38 6.05 -4.40
C ILE A 184 14.12 6.49 -5.64
N ASP A 185 13.37 6.86 -6.68
CA ASP A 185 13.96 7.42 -7.90
C ASP A 185 13.68 8.92 -7.91
N PRO A 186 14.73 9.74 -7.79
CA PRO A 186 14.52 11.19 -7.78
C PRO A 186 14.08 11.74 -9.14
N ASN A 187 14.17 10.90 -10.17
CA ASN A 187 13.81 11.31 -11.52
CA ASN A 187 13.79 11.30 -11.51
C ASN A 187 12.97 10.24 -12.22
N CYS A 188 11.91 9.81 -11.56
CA CYS A 188 11.04 8.79 -12.10
C CYS A 188 10.27 9.31 -13.32
N ASN A 189 10.51 8.71 -14.48
CA ASN A 189 9.79 9.07 -15.71
C ASN A 189 8.44 8.34 -15.68
N VAL A 190 7.36 9.09 -15.42
CA VAL A 190 6.07 8.47 -15.18
C VAL A 190 5.57 7.65 -16.39
N SER A 191 5.70 8.20 -17.59
CA SER A 191 5.25 7.47 -18.78
C SER A 191 5.99 6.17 -19.00
N GLU A 192 7.27 6.13 -18.63
CA GLU A 192 8.03 4.88 -18.73
C GLU A 192 7.47 3.82 -17.80
N VAL A 193 7.08 4.20 -16.58
CA VAL A 193 6.47 3.24 -15.65
C VAL A 193 5.11 2.79 -16.19
N VAL A 194 4.36 3.71 -16.76
CA VAL A 194 3.08 3.35 -17.37
C VAL A 194 3.32 2.28 -18.43
N LYS A 195 4.31 2.50 -19.30
CA LYS A 195 4.59 1.56 -20.38
C LYS A 195 5.03 0.20 -19.84
N ASP A 196 5.85 0.20 -18.80
CA ASP A 196 6.31 -1.06 -18.21
C ASP A 196 5.13 -1.88 -17.65
N ALA A 197 4.23 -1.20 -16.96
CA ALA A 197 3.05 -1.84 -16.39
C ALA A 197 2.13 -2.37 -17.49
N TYR A 198 1.93 -1.56 -18.53
CA TYR A 198 1.13 -1.97 -19.67
C TYR A 198 1.73 -3.24 -20.31
N ASP A 199 3.03 -3.23 -20.54
CA ASP A 199 3.70 -4.37 -21.20
C ASP A 199 3.44 -5.67 -20.44
N MET A 200 3.57 -5.63 -19.12
CA MET A 200 3.42 -6.84 -18.31
C MET A 200 1.96 -7.29 -18.28
N ALA A 201 1.04 -6.33 -18.17
CA ALA A 201 -0.39 -6.63 -18.21
C ALA A 201 -0.78 -7.22 -19.58
N LYS A 202 -0.23 -6.69 -20.67
CA LYS A 202 -0.50 -7.19 -22.00
C LYS A 202 -0.05 -8.65 -22.16
N LEU A 203 1.08 -9.00 -21.55
CA LEU A 203 1.53 -10.40 -21.59
C LEU A 203 0.44 -11.34 -21.04
N LEU A 204 -0.14 -10.95 -19.91
CA LEU A 204 -1.16 -11.77 -19.26
C LEU A 204 -2.45 -11.80 -20.08
N CYS A 205 -2.86 -10.63 -20.58
CA CYS A 205 -4.10 -10.54 -21.34
C CYS A 205 -3.98 -11.36 -22.63
N ASP A 206 -2.86 -11.22 -23.33
CA ASP A 206 -2.62 -11.98 -24.55
C ASP A 206 -2.63 -13.49 -24.26
N LYS A 207 -2.07 -13.91 -23.13
CA LYS A 207 -2.03 -15.33 -22.80
C LYS A 207 -3.44 -15.90 -22.73
N TYR A 208 -4.34 -15.21 -22.03
CA TYR A 208 -5.69 -15.74 -21.81
C TYR A 208 -6.71 -15.46 -22.91
N TYR A 209 -6.58 -14.31 -23.58
CA TYR A 209 -7.57 -13.90 -24.57
C TYR A 209 -7.06 -13.83 -25.99
N MET A 210 -5.76 -14.04 -26.16
CA MET A 210 -5.12 -14.00 -27.48
C MET A 210 -5.25 -12.63 -28.15
N ALA A 211 -5.54 -11.61 -27.36
CA ALA A 211 -5.65 -10.23 -27.84
C ALA A 211 -5.61 -9.30 -26.64
N SER A 212 -5.29 -8.05 -26.89
CA SER A 212 -5.32 -7.05 -25.82
C SER A 212 -5.47 -5.66 -26.43
N PRO A 213 -6.06 -4.72 -25.68
CA PRO A 213 -6.19 -3.36 -26.17
C PRO A 213 -4.83 -2.70 -26.32
N ASP A 214 -4.69 -1.82 -27.31
CA ASP A 214 -3.50 -0.99 -27.45
C ASP A 214 -3.44 0.07 -26.34
N LEU A 215 -2.26 0.67 -26.16
CA LEU A 215 -2.09 1.77 -25.21
C LEU A 215 -1.93 3.10 -25.94
N GLU A 216 -2.59 4.15 -25.46
CA GLU A 216 -2.30 5.51 -25.90
C GLU A 216 -1.99 6.34 -24.69
N ILE A 217 -0.87 7.06 -24.72
CA ILE A 217 -0.51 7.94 -23.60
C ILE A 217 -0.47 9.38 -24.08
N GLN A 218 -1.05 10.27 -23.29
CA GLN A 218 -0.97 11.69 -23.55
C GLN A 218 -0.46 12.36 -22.27
N GLU A 219 0.50 13.29 -22.40
CA GLU A 219 0.99 14.06 -21.25
C GLU A 219 0.53 15.50 -21.35
N ILE A 220 0.14 16.05 -20.20
CA ILE A 220 -0.22 17.45 -20.07
C ILE A 220 0.70 18.04 -19.00
N ASN A 221 1.78 18.70 -19.42
CA ASN A 221 2.68 19.32 -18.46
C ASN A 221 2.28 20.79 -18.42
N ALA A 222 1.43 21.15 -17.46
CA ALA A 222 0.77 22.44 -17.51
C ALA A 222 1.74 23.62 -17.62
N ALA A 223 2.74 23.62 -16.75
CA ALA A 223 3.68 24.75 -16.65
C ALA A 223 4.80 24.71 -17.70
N ASN A 224 5.03 23.54 -18.28
CA ASN A 224 6.13 23.35 -19.22
C ASN A 224 5.76 22.35 -20.31
N SER A 225 4.96 22.79 -21.27
CA SER A 225 4.26 21.87 -22.18
C SER A 225 5.16 20.91 -22.93
N LYS A 226 6.40 21.29 -23.17
CA LYS A 226 7.30 20.46 -23.96
C LYS A 226 8.01 19.37 -23.13
N GLN A 227 8.06 19.55 -21.81
CA GLN A 227 8.90 18.71 -20.96
C GLN A 227 8.24 17.39 -20.55
N PRO A 228 8.97 16.27 -20.72
CA PRO A 228 8.50 14.97 -20.23
C PRO A 228 8.29 15.02 -18.72
N ILE A 229 7.27 14.34 -18.24
CA ILE A 229 6.88 14.47 -16.85
C ILE A 229 7.69 13.52 -15.97
N HIS A 230 8.38 14.08 -14.98
CA HIS A 230 9.13 13.29 -14.02
C HIS A 230 8.71 13.67 -12.61
N MET A 231 9.00 12.80 -11.65
CA MET A 231 8.72 13.09 -10.24
C MET A 231 9.68 12.32 -9.33
N VAL A 232 9.72 12.69 -8.07
CA VAL A 232 10.37 11.88 -7.06
C VAL A 232 9.36 10.86 -6.53
N TYR A 233 9.64 9.57 -6.71
CA TYR A 233 8.73 8.54 -6.25
C TYR A 233 9.41 7.18 -6.13
N VAL A 234 8.71 6.22 -5.54
CA VAL A 234 9.17 4.84 -5.48
C VAL A 234 8.57 4.10 -6.69
N PRO A 235 9.40 3.82 -7.71
CA PRO A 235 8.79 3.32 -8.96
C PRO A 235 8.03 2.01 -8.78
N SER A 236 8.51 1.12 -7.92
CA SER A 236 7.82 -0.14 -7.69
C SER A 236 6.37 0.06 -7.21
N HIS A 237 6.13 1.08 -6.38
CA HIS A 237 4.77 1.36 -5.90
C HIS A 237 3.89 1.85 -7.04
N LEU A 238 4.44 2.77 -7.82
CA LEU A 238 3.71 3.29 -8.98
C LEU A 238 3.41 2.17 -9.98
N TYR A 239 4.41 1.35 -10.26
CA TYR A 239 4.23 0.18 -11.13
C TYR A 239 3.10 -0.72 -10.60
N HIS A 240 3.12 -1.00 -9.30
CA HIS A 240 2.10 -1.85 -8.69
C HIS A 240 0.68 -1.34 -8.97
N MET A 241 0.47 -0.06 -8.75
CA MET A 241 -0.85 0.53 -8.95
C MET A 241 -1.25 0.44 -10.42
N LEU A 242 -0.35 0.82 -11.32
CA LEU A 242 -0.68 0.84 -12.74
C LEU A 242 -0.93 -0.58 -13.28
N PHE A 243 -0.14 -1.55 -12.81
CA PHE A 243 -0.31 -2.93 -13.27
C PHE A 243 -1.70 -3.45 -12.91
N GLU A 244 -2.11 -3.22 -11.67
CA GLU A 244 -3.44 -3.64 -11.24
C GLU A 244 -4.52 -2.95 -12.07
N LEU A 245 -4.38 -1.64 -12.30
CA LEU A 245 -5.38 -0.92 -13.09
C LEU A 245 -5.44 -1.44 -14.53
N PHE A 246 -4.28 -1.69 -15.13
CA PHE A 246 -4.26 -2.22 -16.49
C PHE A 246 -4.94 -3.59 -16.56
N LYS A 247 -4.70 -4.44 -15.57
CA LYS A 247 -5.31 -5.78 -15.61
C LYS A 247 -6.83 -5.66 -15.63
N ASN A 248 -7.37 -4.81 -14.78
CA ASN A 248 -8.82 -4.60 -14.75
C ASN A 248 -9.32 -3.98 -16.05
N ALA A 249 -8.66 -2.94 -16.51
CA ALA A 249 -9.07 -2.28 -17.75
C ALA A 249 -9.00 -3.21 -18.96
N MET A 250 -7.96 -4.04 -19.03
CA MET A 250 -7.85 -4.97 -20.15
C MET A 250 -8.92 -6.05 -20.12
N ARG A 251 -9.13 -6.62 -18.94
CA ARG A 251 -10.13 -7.66 -18.82
C ARG A 251 -11.50 -7.09 -19.20
N ALA A 252 -11.84 -5.92 -18.68
CA ALA A 252 -13.13 -5.30 -19.03
C ALA A 252 -13.28 -5.12 -20.54
N THR A 253 -12.23 -4.63 -21.17
CA THR A 253 -12.29 -4.31 -22.58
C THR A 253 -12.49 -5.58 -23.42
N VAL A 254 -11.69 -6.61 -23.16
CA VAL A 254 -11.82 -7.82 -23.96
CA VAL A 254 -11.81 -7.83 -23.96
C VAL A 254 -13.15 -8.54 -23.70
N GLU A 255 -13.53 -8.66 -22.43
CA GLU A 255 -14.76 -9.39 -22.10
C GLU A 255 -16.05 -8.70 -22.57
N SER A 256 -16.03 -7.38 -22.62
CA SER A 256 -17.17 -6.63 -23.12
C SER A 256 -17.22 -6.57 -24.64
N HIS A 257 -16.18 -7.12 -25.29
CA HIS A 257 -16.10 -7.07 -26.75
C HIS A 257 -15.90 -8.46 -27.35
N GLU A 258 -16.57 -9.46 -26.78
N GLU A 258 -16.57 -9.46 -26.77
CA GLU A 258 -16.40 -10.84 -27.22
CA GLU A 258 -16.44 -10.85 -27.20
C GLU A 258 -16.57 -11.02 -28.72
C GLU A 258 -16.58 -11.02 -28.71
N SER A 259 -17.47 -10.24 -29.33
CA SER A 259 -17.77 -10.39 -30.75
C SER A 259 -16.83 -9.64 -31.70
N SER A 260 -16.09 -8.67 -31.17
CA SER A 260 -15.28 -7.78 -32.02
C SER A 260 -13.84 -8.25 -32.20
N LEU A 261 -13.26 -7.88 -33.34
CA LEU A 261 -11.84 -8.10 -33.58
C LEU A 261 -11.10 -6.80 -33.29
N ILE A 262 -11.85 -5.69 -33.30
CA ILE A 262 -11.27 -4.38 -33.05
C ILE A 262 -11.54 -4.04 -31.58
N LEU A 263 -10.49 -3.81 -30.80
CA LEU A 263 -10.66 -3.45 -29.39
C LEU A 263 -10.36 -1.98 -29.20
N PRO A 264 -11.21 -1.28 -28.44
CA PRO A 264 -10.86 0.11 -28.13
C PRO A 264 -9.60 0.14 -27.27
N PRO A 265 -8.72 1.12 -27.51
CA PRO A 265 -7.49 1.19 -26.72
C PRO A 265 -7.76 1.61 -25.27
N ILE A 266 -6.79 1.40 -24.42
CA ILE A 266 -6.80 1.98 -23.09
C ILE A 266 -6.06 3.30 -23.20
N LYS A 267 -6.71 4.40 -22.79
CA LYS A 267 -6.09 5.72 -22.91
C LYS A 267 -5.61 6.21 -21.57
N VAL A 268 -4.33 6.56 -21.48
CA VAL A 268 -3.79 7.10 -20.25
C VAL A 268 -3.39 8.56 -20.43
N MET A 269 -3.81 9.41 -19.50
CA MET A 269 -3.32 10.79 -19.47
CA MET A 269 -3.33 10.79 -19.47
C MET A 269 -2.50 11.00 -18.21
N VAL A 270 -1.33 11.58 -18.39
CA VAL A 270 -0.49 11.93 -17.25
C VAL A 270 -0.48 13.45 -17.21
N ALA A 271 -1.05 14.03 -16.16
CA ALA A 271 -1.09 15.48 -16.03
C ALA A 271 -0.23 15.95 -14.86
N LEU A 272 0.55 17.00 -15.11
CA LEU A 272 1.36 17.59 -14.06
C LEU A 272 0.87 19.00 -13.79
N GLY A 273 0.32 19.21 -12.59
CA GLY A 273 -0.13 20.53 -12.18
C GLY A 273 0.78 21.11 -11.13
N GLU A 274 0.35 22.18 -10.48
CA GLU A 274 1.15 22.85 -9.46
C GLU A 274 1.33 21.99 -8.22
N GLU A 275 0.31 21.19 -7.92
CA GLU A 275 0.28 20.42 -6.68
C GLU A 275 0.13 18.93 -6.93
N ASP A 276 -0.64 18.56 -7.95
CA ASP A 276 -0.91 17.15 -8.24
C ASP A 276 -0.19 16.66 -9.48
N LEU A 277 0.24 15.41 -9.42
CA LEU A 277 0.57 14.65 -10.61
C LEU A 277 -0.50 13.57 -10.70
N SER A 278 -1.35 13.67 -11.72
CA SER A 278 -2.52 12.82 -11.84
C SER A 278 -2.39 11.89 -13.04
N ILE A 279 -2.76 10.63 -12.88
CA ILE A 279 -2.69 9.68 -13.97
C ILE A 279 -4.06 9.05 -14.17
N LYS A 280 -4.70 9.33 -15.29
CA LYS A 280 -6.02 8.78 -15.56
C LYS A 280 -5.93 7.64 -16.54
N MET A 281 -6.53 6.49 -16.21
CA MET A 281 -6.62 5.37 -17.15
C MET A 281 -8.08 5.18 -17.57
N SER A 282 -8.36 5.35 -18.86
CA SER A 282 -9.74 5.33 -19.36
C SER A 282 -9.93 4.11 -20.23
N ASP A 283 -10.96 3.32 -19.92
CA ASP A 283 -11.30 2.19 -20.76
C ASP A 283 -12.74 2.28 -21.28
N ARG A 284 -13.04 1.50 -22.30
N ARG A 284 -13.02 1.51 -22.31
CA ARG A 284 -14.38 1.40 -22.82
CA ARG A 284 -14.38 1.39 -22.85
C ARG A 284 -14.84 -0.04 -22.65
C ARG A 284 -14.87 -0.04 -22.65
N GLY A 285 -14.66 -0.55 -21.44
CA GLY A 285 -14.99 -1.93 -21.11
C GLY A 285 -16.40 -2.16 -20.60
N GLY A 286 -17.29 -1.21 -20.84
CA GLY A 286 -18.70 -1.39 -20.53
C GLY A 286 -19.11 -0.92 -19.14
N GLY A 287 -18.13 -0.71 -18.28
CA GLY A 287 -18.37 -0.14 -16.95
C GLY A 287 -19.10 -1.04 -15.98
N VAL A 288 -19.54 -0.41 -14.88
CA VAL A 288 -20.16 -1.12 -13.76
C VAL A 288 -21.11 -0.14 -13.08
N PRO A 289 -22.25 -0.63 -12.57
CA PRO A 289 -23.14 0.33 -11.91
C PRO A 289 -22.50 0.89 -10.63
N LEU A 290 -22.89 2.12 -10.29
CA LEU A 290 -22.32 2.82 -9.15
C LEU A 290 -22.40 1.97 -7.90
N ARG A 291 -23.55 1.31 -7.73
CA ARG A 291 -23.80 0.45 -6.55
C ARG A 291 -22.68 -0.53 -6.29
N LYS A 292 -21.99 -0.97 -7.34
CA LYS A 292 -20.99 -2.02 -7.23
C LYS A 292 -19.55 -1.50 -7.10
N ILE A 293 -19.39 -0.19 -7.10
CA ILE A 293 -18.04 0.38 -7.01
C ILE A 293 -17.36 0.08 -5.67
N GLU A 294 -18.10 0.27 -4.57
CA GLU A 294 -17.52 0.13 -3.24
C GLU A 294 -16.96 -1.27 -3.02
N ARG A 295 -17.67 -2.28 -3.55
CA ARG A 295 -17.21 -3.66 -3.48
C ARG A 295 -15.80 -3.84 -3.98
N LEU A 296 -15.39 -3.03 -4.95
CA LEU A 296 -14.07 -3.20 -5.54
C LEU A 296 -12.95 -2.91 -4.55
N PHE A 297 -13.27 -2.14 -3.51
CA PHE A 297 -12.26 -1.79 -2.51
C PHE A 297 -12.47 -2.57 -1.22
N SER A 298 -13.41 -3.50 -1.24
CA SER A 298 -13.78 -4.27 -0.05
C SER A 298 -12.90 -5.48 0.14
N TYR A 299 -12.44 -5.71 1.36
CA TYR A 299 -11.63 -6.88 1.65
C TYR A 299 -12.55 -8.10 1.77
N MET A 300 -13.81 -7.84 2.08
CA MET A 300 -14.78 -8.91 2.31
C MET A 300 -15.27 -9.47 0.98
N TYR A 301 -15.93 -8.62 0.21
CA TYR A 301 -16.48 -9.04 -1.08
C TYR A 301 -15.40 -9.65 -1.97
N SER A 302 -14.19 -9.12 -1.89
CA SER A 302 -13.09 -9.64 -2.70
C SER A 302 -12.25 -10.67 -1.95
N THR A 303 -12.93 -11.48 -1.14
CA THR A 303 -12.26 -12.54 -0.39
C THR A 303 -13.00 -13.87 -0.56
N GLY A 320 -7.83 -11.43 -3.89
CA GLY A 320 -7.81 -10.34 -4.84
C GLY A 320 -7.91 -8.98 -4.17
N TYR A 321 -6.86 -8.60 -3.44
CA TYR A 321 -6.82 -7.31 -2.75
C TYR A 321 -6.07 -6.28 -3.59
N GLY A 322 -5.92 -6.58 -4.88
CA GLY A 322 -5.19 -5.71 -5.78
C GLY A 322 -5.62 -4.25 -5.73
N LEU A 323 -6.91 -3.99 -5.89
CA LEU A 323 -7.37 -2.59 -5.90
C LEU A 323 -7.26 -1.91 -4.54
N PRO A 324 -7.74 -2.56 -3.46
CA PRO A 324 -7.60 -1.81 -2.19
C PRO A 324 -6.15 -1.58 -1.80
N ILE A 325 -5.27 -2.55 -2.03
CA ILE A 325 -3.85 -2.32 -1.70
C ILE A 325 -3.24 -1.23 -2.60
N SER A 326 -3.60 -1.24 -3.88
CA SER A 326 -3.15 -0.18 -4.78
C SER A 326 -3.55 1.20 -4.27
N ARG A 327 -4.77 1.34 -3.79
CA ARG A 327 -5.23 2.62 -3.27
C ARG A 327 -4.44 2.99 -2.01
N LEU A 328 -4.11 2.01 -1.18
CA LEU A 328 -3.25 2.31 -0.02
C LEU A 328 -1.88 2.84 -0.43
N TYR A 329 -1.28 2.25 -1.47
CA TYR A 329 0.00 2.78 -1.93
C TYR A 329 -0.15 4.24 -2.33
N ALA A 330 -1.24 4.56 -3.03
CA ALA A 330 -1.47 5.94 -3.41
C ALA A 330 -1.63 6.85 -2.19
N LYS A 331 -2.40 6.39 -1.20
CA LYS A 331 -2.65 7.17 0.01
C LYS A 331 -1.41 7.35 0.88
N TYR A 332 -0.47 6.42 0.76
CA TYR A 332 0.71 6.37 1.62
C TYR A 332 1.54 7.67 1.56
N PHE A 333 1.67 8.26 0.37
CA PHE A 333 2.32 9.56 0.26
C PHE A 333 1.34 10.71 -0.04
N GLN A 334 0.16 10.63 0.57
CA GLN A 334 -0.85 11.71 0.55
C GLN A 334 -1.58 11.82 -0.79
N GLY A 335 -1.57 10.72 -1.54
CA GLY A 335 -2.32 10.68 -2.79
C GLY A 335 -3.61 9.89 -2.62
N ASP A 336 -4.15 9.38 -3.72
CA ASP A 336 -5.41 8.61 -3.68
C ASP A 336 -5.56 7.89 -5.00
N LEU A 337 -6.50 6.94 -5.06
CA LEU A 337 -6.79 6.21 -6.28
C LEU A 337 -8.30 6.11 -6.32
N GLN A 338 -8.92 6.65 -7.37
CA GLN A 338 -10.37 6.80 -7.40
C GLN A 338 -10.90 6.19 -8.69
N LEU A 339 -12.07 5.56 -8.62
CA LEU A 339 -12.71 4.94 -9.78
C LEU A 339 -14.03 5.63 -10.06
N PHE A 340 -14.30 5.96 -11.33
CA PHE A 340 -15.61 6.45 -11.70
CA PHE A 340 -15.61 6.45 -11.70
C PHE A 340 -16.01 5.81 -13.01
N SER A 341 -17.15 5.13 -12.98
CA SER A 341 -17.59 4.38 -14.14
C SER A 341 -18.80 5.04 -14.77
N MET A 342 -19.07 4.65 -16.01
CA MET A 342 -20.30 5.02 -16.70
CA MET A 342 -20.33 4.98 -16.64
C MET A 342 -20.87 3.69 -17.20
N GLU A 343 -21.84 3.14 -16.48
CA GLU A 343 -22.38 1.83 -16.86
C GLU A 343 -22.92 1.86 -18.29
N GLY A 344 -22.48 0.90 -19.09
CA GLY A 344 -22.84 0.83 -20.49
C GLY A 344 -21.74 1.37 -21.40
N PHE A 345 -20.76 2.05 -20.81
CA PHE A 345 -19.67 2.66 -21.60
C PHE A 345 -18.27 2.20 -21.19
N GLY A 346 -17.87 2.53 -19.96
CA GLY A 346 -16.52 2.20 -19.52
C GLY A 346 -16.19 2.88 -18.22
N THR A 347 -14.90 2.87 -17.87
CA THR A 347 -14.48 3.30 -16.54
C THR A 347 -13.21 4.12 -16.60
N ASP A 348 -13.17 5.18 -15.79
CA ASP A 348 -11.96 5.95 -15.58
C ASP A 348 -11.41 5.62 -14.20
N ALA A 349 -10.11 5.36 -14.12
CA ALA A 349 -9.44 5.22 -12.84
C ALA A 349 -8.40 6.31 -12.77
N VAL A 350 -8.31 6.98 -11.63
CA VAL A 350 -7.33 8.05 -11.50
C VAL A 350 -6.44 7.84 -10.29
N ILE A 351 -5.14 7.85 -10.54
CA ILE A 351 -4.15 7.87 -9.46
C ILE A 351 -3.78 9.34 -9.24
N TYR A 352 -4.01 9.84 -8.02
CA TYR A 352 -3.60 11.17 -7.62
C TYR A 352 -2.35 11.08 -6.78
N LEU A 353 -1.28 11.74 -7.21
CA LEU A 353 -0.04 11.78 -6.44
C LEU A 353 0.32 13.23 -6.15
N LYS A 354 1.09 13.46 -5.10
CA LYS A 354 1.63 14.79 -4.87
C LYS A 354 2.76 15.05 -5.88
N ALA A 355 2.72 16.20 -6.55
CA ALA A 355 3.78 16.56 -7.49
C ALA A 355 5.11 16.85 -6.79
N LEU A 356 5.04 17.35 -5.56
CA LEU A 356 6.25 17.82 -4.86
C LEU A 356 6.72 16.86 -3.76
N SER A 357 8.03 16.64 -3.67
CA SER A 357 8.55 15.72 -2.68
C SER A 357 8.28 16.21 -1.24
N THR A 358 8.20 17.52 -1.08
CA THR A 358 7.92 18.10 0.24
C THR A 358 6.49 17.89 0.70
N ASP A 359 5.57 17.69 -0.25
CA ASP A 359 4.17 17.40 0.08
C ASP A 359 3.95 15.90 0.23
N SER A 360 4.93 15.11 -0.20
CA SER A 360 4.80 13.66 -0.18
C SER A 360 5.24 13.15 1.18
N VAL A 361 4.30 13.13 2.12
CA VAL A 361 4.58 12.78 3.51
C VAL A 361 3.87 11.49 3.86
N GLU A 362 4.55 10.58 4.57
CA GLU A 362 3.91 9.35 4.99
C GLU A 362 2.58 9.60 5.69
N ARG A 363 1.58 8.82 5.30
N ARG A 363 1.58 8.82 5.30
CA ARG A 363 0.28 8.79 5.98
CA ARG A 363 0.29 8.81 5.99
C ARG A 363 0.21 7.56 6.89
C ARG A 363 0.23 7.57 6.89
N LEU A 364 0.33 7.79 8.20
CA LEU A 364 0.48 6.68 9.14
C LEU A 364 -0.67 6.66 10.15
N PRO A 365 -1.31 5.50 10.31
CA PRO A 365 -2.34 5.39 11.33
C PRO A 365 -1.69 5.43 12.71
N VAL A 366 -2.41 5.96 13.69
CA VAL A 366 -1.92 6.06 15.06
CA VAL A 366 -1.89 6.02 15.04
C VAL A 366 -2.91 5.44 16.00
N TYR A 367 -2.41 4.72 17.01
CA TYR A 367 -3.25 4.20 18.08
C TYR A 367 -3.53 5.26 19.16
N ASN A 368 -4.78 5.68 19.23
CA ASN A 368 -5.21 6.64 20.24
C ASN A 368 -6.71 6.58 20.42
N LYS A 369 -7.22 7.45 21.29
CA LYS A 369 -8.64 7.51 21.62
C LYS A 369 -9.52 7.50 20.36
N SER A 370 -9.17 8.35 19.40
CA SER A 370 -9.93 8.47 18.15
C SER A 370 -9.98 7.12 17.41
N ALA A 371 -8.81 6.52 17.22
CA ALA A 371 -8.75 5.19 16.63
C ALA A 371 -9.57 4.18 17.44
N TRP A 372 -9.31 4.11 18.73
CA TRP A 372 -10.02 3.21 19.62
C TRP A 372 -11.55 3.30 19.50
N ARG A 373 -12.06 4.49 19.23
CA ARG A 373 -13.50 4.73 19.18
C ARG A 373 -14.19 4.05 17.97
N HIS A 374 -13.42 3.80 16.91
CA HIS A 374 -13.98 3.22 15.69
C HIS A 374 -14.38 1.75 15.85
N TYR A 375 -13.74 1.05 16.78
CA TYR A 375 -14.03 -0.35 17.00
C TYR A 375 -15.15 -0.48 18.03
N GLN A 376 -15.61 0.68 18.51
CA GLN A 376 -16.64 0.71 19.54
C GLN A 376 -17.99 1.02 18.92
N THR A 377 -18.34 0.28 17.86
CA THR A 377 -19.62 0.44 17.19
C THR A 377 -20.47 -0.80 17.42
N ILE A 378 -21.78 -0.68 17.25
CA ILE A 378 -22.70 -1.80 17.44
C ILE A 378 -23.88 -1.79 16.46
N GLN A 379 -24.63 -2.89 16.44
CA GLN A 379 -25.75 -3.08 15.53
C GLN A 379 -26.98 -2.24 15.91
N GLU A 380 -27.52 -1.53 14.93
CA GLU A 380 -28.69 -0.67 15.14
C GLU A 380 -29.16 -0.14 13.79
N ALA A 381 -30.36 0.46 13.77
CA ALA A 381 -30.88 1.07 12.56
C ALA A 381 -30.06 2.30 12.18
N GLY A 382 -29.86 2.48 10.88
CA GLY A 382 -29.07 3.60 10.38
C GLY A 382 -29.76 4.94 10.51
N ASP A 383 -29.01 6.01 10.24
CA ASP A 383 -29.54 7.37 10.33
C ASP A 383 -30.30 7.76 9.05
N TRP A 384 -30.49 6.79 8.16
CA TRP A 384 -31.28 7.02 6.95
C TRP A 384 -32.45 6.05 6.85
N CYS A 385 -33.50 6.49 6.18
CA CYS A 385 -34.73 5.73 6.07
C CYS A 385 -34.63 4.53 5.15
N VAL A 386 -35.37 3.48 5.52
CA VAL A 386 -35.62 2.36 4.63
C VAL A 386 -37.13 2.24 4.47
N PRO A 387 -37.59 1.85 3.27
CA PRO A 387 -39.03 1.77 2.98
C PRO A 387 -39.80 0.93 3.98
#